data_8Z8U
#
_entry.id   8Z8U
#
_cell.length_a   94.871
_cell.length_b   94.871
_cell.length_c   261.635
_cell.angle_alpha   90.00
_cell.angle_beta   90.00
_cell.angle_gamma   120.00
#
_symmetry.space_group_name_H-M   'P 61 2 2'
#
loop_
_entity.id
_entity.type
_entity.pdbx_description
1 polymer 'RNA (41-MER)'
2 non-polymer 'SULFATE ION'
3 non-polymer 'SODIUM ION'
4 water water
#
_entity_poly.entity_id   1
_entity_poly.type   'polyribonucleotide'
_entity_poly.pdbx_seq_one_letter_code
;GGGCAGAGCCCAACACAGCGAAAGCUGUGGCUAGACUGUCC
;
_entity_poly.pdbx_strand_id   A,B
#
loop_
_chem_comp.id
_chem_comp.type
_chem_comp.name
_chem_comp.formula
A RNA linking ADENOSINE-5'-MONOPHOSPHATE 'C10 H14 N5 O7 P'
C RNA linking CYTIDINE-5'-MONOPHOSPHATE 'C9 H14 N3 O8 P'
G RNA linking GUANOSINE-5'-MONOPHOSPHATE 'C10 H14 N5 O8 P'
NA non-polymer 'SODIUM ION' 'Na 1'
SO4 non-polymer 'SULFATE ION' 'O4 S -2'
U RNA linking URIDINE-5'-MONOPHOSPHATE 'C9 H13 N2 O9 P'
#
# COMPACT_ATOMS: atom_id res chain seq x y z
S SO4 C . -24.86 -8.69 7.95
O1 SO4 C . -26.09 -8.03 8.34
O2 SO4 C . -25.13 -10.01 7.39
O3 SO4 C . -24.15 -7.87 6.96
O4 SO4 C . -24.02 -8.86 9.14
NA NA D . -9.82 -0.06 11.70
S SO4 E . 11.17 -0.28 0.47
O1 SO4 E . 9.83 -0.65 0.94
O2 SO4 E . 11.78 -1.45 -0.17
O3 SO4 E . 11.07 0.80 -0.49
O4 SO4 E . 11.95 0.17 1.62
S SO4 F . 22.92 14.82 2.34
O1 SO4 F . 22.87 16.04 3.15
O2 SO4 F . 21.51 14.64 2.02
O3 SO4 F . 23.71 14.63 1.13
O4 SO4 F . 23.34 13.99 3.46
S SO4 G . -5.26 -5.54 -10.05
O1 SO4 G . -6.03 -4.53 -9.32
O2 SO4 G . -6.16 -6.28 -10.93
O3 SO4 G . -4.24 -4.88 -10.87
O4 SO4 G . -4.62 -6.46 -9.12
NA NA H . -9.77 -1.49 -15.65
#